data_1CWX
#
_entry.id   1CWX
#
_cell.length_a   1.000
_cell.length_b   1.000
_cell.length_c   1.000
_cell.angle_alpha   90.00
_cell.angle_beta   90.00
_cell.angle_gamma   90.00
#
_symmetry.space_group_name_H-M   'P 1'
#
_entity_poly.entity_id   1
_entity_poly.type   'polypeptide(L)'
_entity_poly.pdbx_seq_one_letter_code
;STNPKPQRKTKRNTNRRPQDVKFPGGGQIVGGVYLLPRRGPRLG
;
_entity_poly.pdbx_strand_id   A
#
# COMPACT_ATOMS: atom_id res chain seq x y z
N SER A 1 -0.21 18.22 27.49
CA SER A 1 0.40 16.88 27.26
C SER A 1 -0.43 16.13 26.20
N THR A 2 0.02 14.97 25.81
CA THR A 2 -0.73 14.19 24.79
C THR A 2 0.00 12.88 24.50
N ASN A 3 -0.31 11.84 25.24
CA ASN A 3 0.38 10.55 25.00
C ASN A 3 -0.67 9.43 24.89
N PRO A 4 -1.23 9.30 23.73
CA PRO A 4 -2.26 8.28 23.44
C PRO A 4 -1.61 6.91 23.24
N LYS A 5 -0.75 6.78 22.27
CA LYS A 5 -0.08 5.48 22.02
C LYS A 5 0.56 5.48 20.61
N PRO A 6 -0.22 5.82 19.62
CA PRO A 6 0.25 5.87 18.22
C PRO A 6 1.09 7.14 17.99
N GLN A 7 2.04 7.08 17.10
CA GLN A 7 2.88 8.27 16.83
C GLN A 7 2.32 9.02 15.63
N ARG A 8 1.55 8.36 14.80
CA ARG A 8 0.97 9.04 13.61
C ARG A 8 -0.38 9.65 13.99
N LYS A 9 -0.73 10.76 13.38
CA LYS A 9 -2.03 11.40 13.70
C LYS A 9 -2.17 12.68 12.86
N THR A 10 -1.18 13.52 12.87
CA THR A 10 -1.26 14.77 12.08
C THR A 10 -0.82 14.50 10.63
N LYS A 11 0.47 14.46 10.41
CA LYS A 11 0.98 14.20 9.03
C LYS A 11 0.15 13.10 8.37
N ARG A 12 0.14 11.93 8.93
CA ARG A 12 -0.65 10.81 8.32
C ARG A 12 -0.10 10.49 6.94
N ASN A 13 -0.74 9.61 6.22
CA ASN A 13 -0.24 9.26 4.86
C ASN A 13 0.13 10.53 4.09
N THR A 14 0.78 10.40 2.97
CA THR A 14 1.17 11.61 2.19
C THR A 14 1.78 11.18 0.85
N ASN A 15 2.54 10.12 0.84
CA ASN A 15 3.16 9.67 -0.44
C ASN A 15 2.67 8.26 -0.77
N ARG A 16 2.61 7.92 -2.03
CA ARG A 16 2.15 6.58 -2.43
C ARG A 16 3.30 5.59 -2.27
N ARG A 17 3.04 4.36 -2.62
CA ARG A 17 4.05 3.25 -2.51
C ARG A 17 3.51 2.15 -1.59
N PRO A 18 2.96 2.55 -0.46
CA PRO A 18 2.37 1.60 0.50
C PRO A 18 0.96 1.26 0.05
N GLN A 19 0.42 2.17 -0.68
CA GLN A 19 -0.95 2.04 -1.22
C GLN A 19 -0.94 1.31 -2.53
N ASP A 20 -0.16 0.33 -2.55
CA ASP A 20 0.00 -0.53 -3.75
C ASP A 20 0.48 -1.89 -3.32
N VAL A 21 1.41 -1.92 -2.41
CA VAL A 21 1.93 -3.22 -2.01
C VAL A 21 0.94 -3.89 -1.07
N LYS A 22 -0.15 -3.26 -0.84
CA LYS A 22 -1.19 -3.85 0.01
C LYS A 22 -2.27 -4.38 -0.92
N PHE A 23 -1.98 -4.35 -2.20
CA PHE A 23 -2.92 -4.81 -3.21
C PHE A 23 -4.29 -4.28 -2.85
N PRO A 24 -4.31 -2.99 -2.98
CA PRO A 24 -5.45 -2.13 -2.66
C PRO A 24 -6.54 -2.26 -3.73
N GLY A 25 -7.78 -2.07 -3.36
CA GLY A 25 -8.87 -2.19 -4.37
C GLY A 25 -8.80 -3.58 -5.01
N GLY A 26 -9.09 -4.60 -4.27
CA GLY A 26 -9.02 -5.98 -4.83
C GLY A 26 -7.68 -6.61 -4.44
N GLY A 27 -7.49 -6.87 -3.18
CA GLY A 27 -6.22 -7.46 -2.72
C GLY A 27 -6.18 -7.30 -1.21
N GLN A 28 -6.50 -8.33 -0.48
CA GLN A 28 -6.47 -8.25 0.99
C GLN A 28 -5.17 -7.60 1.48
N ILE A 29 -4.20 -7.42 0.60
CA ILE A 29 -2.89 -6.81 0.99
C ILE A 29 -2.02 -7.87 1.65
N VAL A 30 -2.55 -9.03 1.87
CA VAL A 30 -1.73 -10.08 2.50
C VAL A 30 -1.40 -11.13 1.45
N GLY A 31 -1.60 -10.82 0.20
CA GLY A 31 -1.30 -11.83 -0.85
C GLY A 31 -0.45 -11.23 -1.98
N GLY A 32 -0.51 -9.96 -2.21
CA GLY A 32 0.32 -9.42 -3.31
C GLY A 32 1.75 -9.22 -2.82
N VAL A 33 1.89 -9.03 -1.55
CA VAL A 33 3.26 -8.92 -0.97
C VAL A 33 3.83 -10.35 -0.98
N TYR A 34 2.96 -11.27 -1.25
CA TYR A 34 3.26 -12.70 -1.32
C TYR A 34 3.30 -13.09 -2.79
N LEU A 35 2.80 -12.21 -3.62
CA LEU A 35 2.83 -12.41 -5.08
C LEU A 35 4.14 -11.81 -5.60
N LEU A 36 4.96 -11.38 -4.67
CA LEU A 36 6.27 -10.75 -5.03
C LEU A 36 7.41 -11.78 -5.11
N PRO A 37 7.47 -12.68 -4.16
CA PRO A 37 8.53 -13.70 -4.11
C PRO A 37 8.24 -14.85 -5.08
N ARG A 38 7.10 -15.47 -4.96
CA ARG A 38 6.77 -16.61 -5.87
C ARG A 38 6.14 -16.08 -7.17
N ARG A 39 6.48 -14.88 -7.57
CA ARG A 39 5.90 -14.33 -8.82
C ARG A 39 6.10 -15.33 -9.96
N GLY A 40 5.13 -16.17 -10.21
CA GLY A 40 5.28 -17.17 -11.31
C GLY A 40 6.21 -18.30 -10.86
N PRO A 41 5.69 -19.14 -10.00
CA PRO A 41 6.45 -20.28 -9.45
C PRO A 41 6.47 -21.44 -10.46
N ARG A 42 5.77 -21.30 -11.55
CA ARG A 42 5.75 -22.39 -12.57
C ARG A 42 6.37 -21.88 -13.87
N LEU A 43 7.59 -22.25 -14.14
CA LEU A 43 8.24 -21.78 -15.40
C LEU A 43 8.82 -22.99 -16.15
N GLY A 44 8.36 -24.16 -15.84
CA GLY A 44 8.89 -25.37 -16.54
C GLY A 44 8.80 -26.58 -15.60
N SER A 1 -11.55 13.79 18.39
CA SER A 1 -10.11 14.16 18.48
C SER A 1 -9.53 14.30 17.06
N THR A 2 -8.49 15.07 16.92
CA THR A 2 -7.87 15.24 15.57
C THR A 2 -8.90 15.83 14.62
N ASN A 3 -9.67 14.99 13.96
CA ASN A 3 -10.69 15.51 13.02
C ASN A 3 -11.69 14.40 12.68
N PRO A 4 -12.67 14.24 13.51
CA PRO A 4 -13.71 13.21 13.35
C PRO A 4 -14.74 13.66 12.31
N LYS A 5 -14.36 13.73 11.07
CA LYS A 5 -15.32 14.17 10.02
C LYS A 5 -16.26 13.02 9.64
N PRO A 6 -15.67 11.88 9.30
CA PRO A 6 -16.44 10.69 8.91
C PRO A 6 -16.98 9.97 10.15
N GLN A 7 -17.99 9.15 9.97
CA GLN A 7 -18.57 8.43 11.13
C GLN A 7 -18.07 6.97 11.11
N ARG A 8 -17.25 6.62 12.06
CA ARG A 8 -16.73 5.22 12.10
C ARG A 8 -16.13 4.86 10.73
N LYS A 9 -15.06 5.50 10.37
CA LYS A 9 -14.43 5.22 9.05
C LYS A 9 -13.11 5.98 8.93
N THR A 10 -12.16 5.45 8.22
CA THR A 10 -10.86 6.15 8.08
C THR A 10 -10.16 5.71 6.79
N LYS A 11 -9.44 6.60 6.16
CA LYS A 11 -8.74 6.22 4.90
C LYS A 11 -7.83 7.38 4.47
N ARG A 12 -8.38 8.57 4.36
CA ARG A 12 -7.55 9.73 3.94
C ARG A 12 -6.98 9.48 2.53
N ASN A 13 -7.16 10.42 1.65
CA ASN A 13 -6.64 10.24 0.26
C ASN A 13 -5.85 11.49 -0.15
N THR A 14 -4.74 11.31 -0.82
CA THR A 14 -3.93 12.48 -1.26
C THR A 14 -2.83 12.01 -2.21
N ASN A 15 -2.18 10.93 -1.88
CA ASN A 15 -1.10 10.41 -2.77
C ASN A 15 -0.77 8.97 -2.38
N ARG A 16 -1.00 8.04 -3.26
CA ARG A 16 -0.73 6.63 -2.95
C ARG A 16 0.75 6.33 -3.16
N ARG A 17 1.13 5.14 -2.82
CA ARG A 17 2.54 4.68 -2.97
C ARG A 17 2.73 3.47 -2.06
N PRO A 18 2.45 3.66 -0.79
CA PRO A 18 2.51 2.58 0.20
C PRO A 18 1.23 1.78 0.09
N GLN A 19 0.26 2.44 -0.43
CA GLN A 19 -1.08 1.85 -0.63
C GLN A 19 -1.18 1.23 -1.99
N ASP A 20 -0.17 0.56 -2.30
CA ASP A 20 -0.06 -0.13 -3.61
C ASP A 20 0.82 -1.33 -3.45
N VAL A 21 1.87 -1.20 -2.71
CA VAL A 21 2.76 -2.35 -2.58
C VAL A 21 2.18 -3.35 -1.60
N LYS A 22 1.00 -3.08 -1.12
CA LYS A 22 0.33 -4.01 -0.21
C LYS A 22 -0.76 -4.71 -1.01
N PHE A 23 -0.82 -4.38 -2.28
CA PHE A 23 -1.83 -4.95 -3.15
C PHE A 23 -3.14 -4.84 -2.43
N PRO A 24 -3.48 -3.61 -2.30
CA PRO A 24 -4.67 -3.13 -1.61
C PRO A 24 -5.91 -3.34 -2.48
N GLY A 25 -6.05 -2.54 -3.50
CA GLY A 25 -7.24 -2.70 -4.39
C GLY A 25 -7.37 -4.16 -4.79
N GLY A 26 -6.28 -4.89 -4.74
CA GLY A 26 -6.33 -6.33 -5.11
C GLY A 26 -7.45 -7.01 -4.33
N GLY A 27 -7.26 -7.20 -3.05
CA GLY A 27 -8.33 -7.86 -2.24
C GLY A 27 -8.11 -7.58 -0.76
N GLN A 28 -7.34 -8.40 -0.09
CA GLN A 28 -7.11 -8.20 1.36
C GLN A 28 -5.74 -7.56 1.60
N ILE A 29 -4.91 -7.57 0.60
CA ILE A 29 -3.52 -6.99 0.70
C ILE A 29 -2.59 -8.03 1.30
N VAL A 30 -3.12 -9.08 1.84
CA VAL A 30 -2.25 -10.11 2.43
C VAL A 30 -1.95 -11.18 1.39
N GLY A 31 -2.19 -10.88 0.14
CA GLY A 31 -1.93 -11.89 -0.91
C GLY A 31 -1.14 -11.29 -2.07
N GLY A 32 -1.06 -9.99 -2.17
CA GLY A 32 -0.29 -9.42 -3.30
C GLY A 32 1.17 -9.27 -2.88
N VAL A 33 1.40 -9.16 -1.62
CA VAL A 33 2.79 -9.13 -1.11
C VAL A 33 3.28 -10.57 -1.16
N TYR A 34 2.36 -11.44 -1.42
CA TYR A 34 2.59 -12.90 -1.54
C TYR A 34 2.57 -13.23 -3.02
N LEU A 35 2.22 -12.25 -3.82
CA LEU A 35 2.23 -12.39 -5.28
C LEU A 35 3.62 -11.94 -5.76
N LEU A 36 4.42 -11.50 -4.82
CA LEU A 36 5.79 -11.01 -5.14
C LEU A 36 6.79 -12.16 -5.25
N PRO A 37 6.73 -13.08 -4.33
CA PRO A 37 7.63 -14.25 -4.32
C PRO A 37 7.13 -15.31 -5.31
N ARG A 38 5.88 -15.68 -5.21
CA ARG A 38 5.31 -16.70 -6.12
C ARG A 38 4.80 -16.01 -7.40
N ARG A 39 5.51 -15.03 -7.87
CA ARG A 39 5.08 -14.32 -9.10
C ARG A 39 4.72 -15.35 -10.17
N GLY A 40 5.27 -16.53 -10.10
CA GLY A 40 4.96 -17.57 -11.11
C GLY A 40 5.26 -17.04 -12.51
N PRO A 41 6.41 -17.39 -13.03
CA PRO A 41 6.84 -16.96 -14.37
C PRO A 41 6.12 -17.78 -15.45
N ARG A 42 6.18 -17.34 -16.68
CA ARG A 42 5.49 -18.10 -17.77
C ARG A 42 6.53 -18.87 -18.57
N LEU A 43 7.79 -18.56 -18.42
CA LEU A 43 8.84 -19.29 -19.18
C LEU A 43 9.39 -20.44 -18.32
N GLY A 44 8.58 -21.42 -18.04
CA GLY A 44 9.06 -22.57 -17.21
C GLY A 44 8.07 -23.73 -17.32
N SER A 1 -6.57 31.73 27.24
CA SER A 1 -5.91 32.92 26.62
C SER A 1 -6.56 33.20 25.26
N THR A 2 -6.32 34.36 24.71
CA THR A 2 -6.93 34.70 23.39
C THR A 2 -5.96 34.30 22.27
N ASN A 3 -5.82 33.04 22.02
CA ASN A 3 -4.89 32.59 20.93
C ASN A 3 -4.98 31.06 20.79
N PRO A 4 -5.78 30.62 19.86
CA PRO A 4 -5.98 29.18 19.59
C PRO A 4 -4.80 28.62 18.80
N LYS A 5 -4.52 27.35 18.96
CA LYS A 5 -3.37 26.75 18.22
C LYS A 5 -3.91 25.93 17.05
N PRO A 6 -3.74 26.45 15.85
CA PRO A 6 -4.21 25.79 14.62
C PRO A 6 -3.25 24.66 14.24
N GLN A 7 -3.75 23.46 14.08
CA GLN A 7 -2.86 22.33 13.71
C GLN A 7 -2.68 22.30 12.19
N ARG A 8 -1.79 23.10 11.68
CA ARG A 8 -1.56 23.12 10.21
C ARG A 8 -0.39 22.20 9.85
N LYS A 9 -0.62 21.18 9.08
CA LYS A 9 0.48 20.25 8.72
C LYS A 9 0.22 19.65 7.34
N THR A 10 -0.46 18.52 7.30
CA THR A 10 -0.75 17.87 5.99
C THR A 10 0.47 17.09 5.51
N LYS A 11 1.49 17.77 5.06
CA LYS A 11 2.72 17.07 4.58
C LYS A 11 2.36 16.20 3.38
N ARG A 12 3.09 16.33 2.31
CA ARG A 12 2.81 15.51 1.10
C ARG A 12 1.31 15.59 0.76
N ASN A 13 0.88 14.92 -0.27
CA ASN A 13 -0.56 14.97 -0.65
C ASN A 13 -0.95 13.64 -1.31
N THR A 14 -0.40 13.36 -2.47
CA THR A 14 -0.76 12.09 -3.16
C THR A 14 0.53 11.31 -3.45
N ASN A 15 1.05 10.63 -2.47
CA ASN A 15 2.30 9.84 -2.68
C ASN A 15 1.99 8.35 -2.50
N ARG A 16 1.84 7.62 -3.56
CA ARG A 16 1.54 6.19 -3.45
C ARG A 16 2.81 5.42 -3.11
N ARG A 17 2.65 4.15 -2.87
CA ARG A 17 3.79 3.24 -2.53
C ARG A 17 3.26 2.17 -1.59
N PRO A 18 2.71 2.60 -0.47
CA PRO A 18 2.10 1.69 0.51
C PRO A 18 0.75 1.28 0.00
N GLN A 19 0.22 2.12 -0.84
CA GLN A 19 -1.10 1.90 -1.44
C GLN A 19 -0.98 1.12 -2.73
N ASP A 20 -0.14 0.19 -2.67
CA ASP A 20 0.14 -0.68 -3.83
C ASP A 20 0.64 -2.01 -3.33
N VAL A 21 1.51 -1.99 -2.37
CA VAL A 21 2.03 -3.26 -1.90
C VAL A 21 1.02 -3.95 -1.00
N LYS A 22 -0.11 -3.35 -0.84
CA LYS A 22 -1.18 -3.95 -0.05
C LYS A 22 -2.17 -4.55 -1.02
N PHE A 23 -1.82 -4.50 -2.28
CA PHE A 23 -2.71 -5.01 -3.33
C PHE A 23 -4.10 -4.51 -3.03
N PRO A 24 -4.15 -3.23 -3.19
CA PRO A 24 -5.32 -2.41 -2.93
C PRO A 24 -6.35 -2.53 -4.04
N GLY A 25 -7.39 -1.75 -4.00
CA GLY A 25 -8.43 -1.83 -5.06
C GLY A 25 -9.14 -3.18 -5.00
N GLY A 26 -9.23 -3.75 -3.84
CA GLY A 26 -9.91 -5.08 -3.71
C GLY A 26 -9.68 -5.66 -2.31
N GLY A 27 -8.46 -5.86 -1.93
CA GLY A 27 -8.19 -6.43 -0.58
C GLY A 27 -7.35 -7.70 -0.75
N GLN A 28 -6.14 -7.55 -1.20
CA GLN A 28 -5.26 -8.71 -1.43
C GLN A 28 -3.89 -8.42 -0.87
N ILE A 29 -3.82 -7.46 -0.01
CA ILE A 29 -2.51 -7.08 0.62
C ILE A 29 -1.89 -8.30 1.25
N VAL A 30 -2.69 -9.22 1.68
CA VAL A 30 -2.11 -10.39 2.36
C VAL A 30 -1.67 -11.44 1.33
N GLY A 31 -1.55 -11.06 0.10
CA GLY A 31 -1.13 -12.04 -0.94
C GLY A 31 -0.19 -11.39 -1.95
N GLY A 32 -0.28 -10.12 -2.16
CA GLY A 32 0.66 -9.50 -3.12
C GLY A 32 1.99 -9.27 -2.43
N VAL A 33 1.96 -9.23 -1.13
CA VAL A 33 3.24 -9.12 -0.37
C VAL A 33 3.90 -10.50 -0.48
N TYR A 34 3.12 -11.42 -0.96
CA TYR A 34 3.53 -12.82 -1.17
C TYR A 34 3.78 -13.00 -2.67
N LEU A 35 3.28 -12.07 -3.43
CA LEU A 35 3.49 -12.07 -4.91
C LEU A 35 4.76 -11.27 -5.17
N LEU A 36 5.40 -10.85 -4.12
CA LEU A 36 6.66 -10.06 -4.25
C LEU A 36 7.85 -10.96 -4.62
N PRO A 37 7.97 -12.07 -3.95
CA PRO A 37 9.07 -13.03 -4.20
C PRO A 37 8.77 -13.86 -5.45
N ARG A 38 7.63 -14.49 -5.50
CA ARG A 38 7.28 -15.32 -6.69
C ARG A 38 6.61 -14.45 -7.76
N ARG A 39 6.84 -13.17 -7.73
CA ARG A 39 6.20 -12.27 -8.74
C ARG A 39 6.43 -12.84 -10.14
N GLY A 40 5.48 -13.57 -10.66
CA GLY A 40 5.64 -14.15 -12.02
C GLY A 40 7.04 -14.74 -12.16
N PRO A 41 7.16 -15.99 -11.82
CA PRO A 41 8.43 -16.73 -11.90
C PRO A 41 8.73 -17.13 -13.35
N ARG A 42 9.84 -17.78 -13.58
CA ARG A 42 10.18 -18.21 -14.96
C ARG A 42 9.92 -19.70 -15.12
N LEU A 43 9.40 -20.34 -14.10
CA LEU A 43 9.12 -21.80 -14.20
C LEU A 43 7.64 -22.06 -13.94
N GLY A 44 6.78 -21.46 -14.72
CA GLY A 44 5.31 -21.67 -14.51
C GLY A 44 4.53 -20.66 -15.34
N SER A 1 1.77 39.85 -2.19
CA SER A 1 2.44 38.60 -2.66
C SER A 1 1.47 37.81 -3.54
N THR A 2 1.88 36.67 -4.01
CA THR A 2 0.99 35.85 -4.88
C THR A 2 1.45 34.40 -4.86
N ASN A 3 2.51 34.09 -5.54
CA ASN A 3 3.01 32.69 -5.56
C ASN A 3 3.17 32.18 -4.12
N PRO A 4 3.05 30.88 -3.96
CA PRO A 4 3.17 30.23 -2.64
C PRO A 4 4.64 30.11 -2.24
N LYS A 5 5.54 30.52 -3.09
CA LYS A 5 6.98 30.43 -2.75
C LYS A 5 7.36 28.96 -2.54
N PRO A 6 7.57 28.27 -3.62
CA PRO A 6 7.94 26.84 -3.59
C PRO A 6 9.42 26.68 -3.26
N GLN A 7 9.75 25.79 -2.37
CA GLN A 7 11.18 25.59 -2.01
C GLN A 7 11.88 24.80 -3.12
N ARG A 8 11.89 23.50 -3.04
CA ARG A 8 12.55 22.69 -4.09
C ARG A 8 12.29 21.21 -3.83
N LYS A 9 11.35 20.63 -4.52
CA LYS A 9 11.04 19.19 -4.32
C LYS A 9 10.22 18.66 -5.50
N THR A 10 8.93 18.77 -5.44
CA THR A 10 8.08 18.28 -6.56
C THR A 10 6.61 18.40 -6.18
N LYS A 11 5.73 18.15 -7.10
CA LYS A 11 4.27 18.25 -6.79
C LYS A 11 3.92 17.32 -5.64
N ARG A 12 2.70 17.32 -5.20
CA ARG A 12 2.29 16.43 -4.08
C ARG A 12 0.79 16.19 -4.12
N ASN A 13 0.37 15.07 -4.66
CA ASN A 13 -1.09 14.78 -4.74
C ASN A 13 -1.40 13.58 -3.84
N THR A 14 -0.86 12.43 -4.17
CA THR A 14 -1.13 11.22 -3.33
C THR A 14 0.15 10.39 -3.22
N ASN A 15 1.03 10.77 -2.33
CA ASN A 15 2.30 10.01 -2.17
C ASN A 15 2.00 8.51 -2.11
N ARG A 16 2.03 7.83 -3.22
CA ARG A 16 1.75 6.39 -3.24
C ARG A 16 2.98 5.61 -2.80
N ARG A 17 2.88 4.32 -2.87
CA ARG A 17 3.97 3.37 -2.47
C ARG A 17 3.43 2.39 -1.43
N PRO A 18 2.74 2.91 -0.43
CA PRO A 18 2.12 2.08 0.61
C PRO A 18 0.79 1.59 0.10
N GLN A 19 0.21 2.39 -0.72
CA GLN A 19 -1.10 2.09 -1.33
C GLN A 19 -0.93 1.32 -2.60
N ASP A 20 -0.11 0.39 -2.53
CA ASP A 20 0.20 -0.48 -3.69
C ASP A 20 0.75 -1.78 -3.18
N VAL A 21 1.59 -1.72 -2.21
CA VAL A 21 2.17 -2.97 -1.73
C VAL A 21 1.17 -3.70 -0.86
N LYS A 22 0.01 -3.16 -0.72
CA LYS A 22 -1.03 -3.79 0.06
C LYS A 22 -2.05 -4.34 -0.93
N PHE A 23 -1.70 -4.31 -2.18
CA PHE A 23 -2.60 -4.78 -3.23
C PHE A 23 -3.99 -4.29 -2.90
N PRO A 24 -4.05 -2.99 -3.06
CA PRO A 24 -5.22 -2.18 -2.75
C PRO A 24 -6.28 -2.34 -3.83
N GLY A 25 -6.02 -3.13 -4.83
CA GLY A 25 -7.03 -3.33 -5.91
C GLY A 25 -8.37 -3.69 -5.25
N GLY A 26 -8.33 -4.19 -4.06
CA GLY A 26 -9.59 -4.56 -3.36
C GLY A 26 -9.59 -6.05 -3.03
N GLY A 27 -8.48 -6.56 -2.54
CA GLY A 27 -8.43 -8.00 -2.21
C GLY A 27 -8.14 -8.18 -0.71
N GLN A 28 -6.91 -8.42 -0.36
CA GLN A 28 -6.56 -8.62 1.06
C GLN A 28 -5.29 -7.84 1.43
N ILE A 29 -4.38 -7.72 0.51
CA ILE A 29 -3.08 -7.01 0.74
C ILE A 29 -2.08 -7.99 1.36
N VAL A 30 -2.56 -9.12 1.79
CA VAL A 30 -1.65 -10.12 2.38
C VAL A 30 -1.30 -11.16 1.31
N GLY A 31 -1.52 -10.83 0.07
CA GLY A 31 -1.21 -11.81 -1.01
C GLY A 31 -0.34 -11.21 -2.10
N GLY A 32 -0.33 -9.92 -2.27
CA GLY A 32 0.54 -9.38 -3.35
C GLY A 32 1.95 -9.22 -2.85
N VAL A 33 2.11 -9.06 -1.58
CA VAL A 33 3.46 -9.02 -0.99
C VAL A 33 3.98 -10.45 -1.03
N TYR A 34 3.07 -11.34 -1.34
CA TYR A 34 3.32 -12.78 -1.43
C TYR A 34 3.35 -13.13 -2.92
N LEU A 35 2.85 -12.22 -3.73
CA LEU A 35 2.87 -12.39 -5.20
C LEU A 35 4.16 -11.74 -5.71
N LEU A 36 4.98 -11.35 -4.80
CA LEU A 36 6.28 -10.68 -5.15
C LEU A 36 7.32 -11.72 -5.58
N PRO A 37 7.44 -12.79 -4.83
CA PRO A 37 8.41 -13.86 -5.13
C PRO A 37 7.90 -14.73 -6.29
N ARG A 38 7.36 -15.88 -6.00
CA ARG A 38 6.86 -16.76 -7.07
C ARG A 38 5.36 -16.51 -7.28
N ARG A 39 4.55 -17.40 -6.85
CA ARG A 39 3.09 -17.24 -7.01
C ARG A 39 2.45 -16.91 -5.66
N GLY A 40 3.16 -17.16 -4.59
CA GLY A 40 2.61 -16.87 -3.24
C GLY A 40 2.18 -18.17 -2.57
N PRO A 41 3.15 -18.87 -2.05
CA PRO A 41 2.93 -20.17 -1.37
C PRO A 41 2.41 -19.94 0.05
N ARG A 42 1.74 -20.91 0.61
CA ARG A 42 1.21 -20.74 1.99
C ARG A 42 2.12 -21.49 2.97
N LEU A 43 2.92 -20.77 3.72
CA LEU A 43 3.83 -21.43 4.69
C LEU A 43 3.49 -20.94 6.10
N GLY A 44 2.30 -21.19 6.56
CA GLY A 44 1.91 -20.74 7.92
C GLY A 44 2.51 -21.69 8.96
#